data_5TPL
#
_entry.id   5TPL
#
_cell.length_a   63.245
_cell.length_b   69.291
_cell.length_c   115.167
_cell.angle_alpha   90.000
_cell.angle_beta   90.000
_cell.angle_gamma   90.000
#
_symmetry.space_group_name_H-M   'P 21 21 21'
#
loop_
_entity.id
_entity.type
_entity.pdbx_description
1 polymer 'DH270.3 Fab light chain'
2 polymer 'DH270.3 Fab heavy chain'
3 water water
#
loop_
_entity_poly.entity_id
_entity_poly.type
_entity_poly.pdbx_seq_one_letter_code
_entity_poly.pdbx_strand_id
1 'polypeptide(L)'
;QPVLTQPASVSGSPGQSITISCTGSSSDVGSYNLVSWYQQHPGKAPKLMIYEVNKWASGVSDRFAGSKSGNTASLTISRL
QAEDEANYFCSSSTNSATVIFGGGTKLTVLGQPKGAPSVTLFPPSSEELQANKATLVCLISDFYPGAVTVAWKADSSPVK
AGVETTTPSKQSNNKYAASSYLSLTPEQWKSHRSYSCQVTHEGSTVEKTVAPTECS
;
L
2 'polypeptide(L)'
;QVQLVQSGAELKKPGASVKVSCKASGYTLSDYYVHWLRQAPGQGLEWVAWINPTSGRTISPRKFQGRVTMTTDTSMNVAY
MELRGLRSDDTAVYFCARGGWISLYVDYSYYPNFDSWGQGTLVSVSGASTKGPSVFPLAPSSKSTSGGTAALGCLVKDYF
PEPVTVSWNSGALTSGVHTFPAVLQSSGLYSLSSVVTVPSSSLGTQTYICNVNHKPSNTKVDKRVEPKSCDKHHHHHH
;
H
#
# COMPACT_ATOMS: atom_id res chain seq x y z
N VAL A 3 -14.57 -6.08 -14.13
CA VAL A 3 -13.23 -6.64 -13.90
C VAL A 3 -12.86 -7.82 -14.82
N LEU A 4 -11.68 -7.73 -15.44
CA LEU A 4 -11.15 -8.80 -16.28
C LEU A 4 -10.53 -9.86 -15.37
N THR A 5 -10.65 -11.15 -15.75
CA THR A 5 -10.20 -12.22 -14.84
C THR A 5 -8.76 -12.72 -15.03
N GLN A 6 -7.97 -12.54 -13.97
CA GLN A 6 -6.59 -12.99 -13.91
C GLN A 6 -6.40 -14.09 -12.84
N PRO A 7 -5.37 -14.95 -13.00
CA PRO A 7 -4.98 -15.88 -11.93
C PRO A 7 -4.38 -15.13 -10.75
N ALA A 8 -5.03 -15.18 -9.59
CA ALA A 8 -4.63 -14.41 -8.41
C ALA A 8 -3.14 -14.48 -8.09
N SER A 9 -2.50 -15.57 -8.50
CA SER A 9 -1.11 -15.82 -8.16
C SER A 9 -0.46 -16.84 -9.08
N VAL A 10 0.79 -16.58 -9.43
CA VAL A 10 1.58 -17.47 -10.24
C VAL A 10 2.98 -17.45 -9.64
N SER A 11 3.66 -18.59 -9.66
CA SER A 11 5.00 -18.71 -9.10
C SER A 11 5.93 -19.36 -10.12
N GLY A 12 7.21 -18.99 -10.11
CA GLY A 12 8.14 -19.45 -11.13
C GLY A 12 9.61 -19.60 -10.73
N SER A 13 10.49 -19.47 -11.72
CA SER A 13 11.92 -19.77 -11.59
C SER A 13 12.67 -19.22 -12.82
N PRO A 14 13.96 -18.83 -12.65
CA PRO A 14 14.77 -18.18 -13.70
C PRO A 14 14.82 -18.93 -15.01
N GLY A 15 15.39 -18.33 -16.04
CA GLY A 15 15.55 -19.00 -17.32
C GLY A 15 14.26 -19.48 -17.95
N GLN A 16 13.60 -20.45 -17.31
CA GLN A 16 12.31 -20.97 -17.79
C GLN A 16 11.25 -19.86 -17.92
N SER A 17 10.12 -20.19 -18.54
CA SER A 17 9.12 -19.18 -18.89
C SER A 17 7.87 -19.18 -17.99
N ILE A 18 7.08 -18.11 -18.06
CA ILE A 18 5.77 -18.05 -17.41
C ILE A 18 4.76 -17.39 -18.35
N THR A 19 3.52 -17.90 -18.35
CA THR A 19 2.44 -17.24 -19.07
C THR A 19 1.38 -16.72 -18.10
N ILE A 20 1.02 -15.45 -18.23
CA ILE A 20 -0.03 -14.85 -17.42
C ILE A 20 -1.28 -14.58 -18.26
N SER A 21 -2.45 -14.98 -17.75
CA SER A 21 -3.68 -14.90 -18.54
C SER A 21 -4.61 -13.76 -18.15
N CYS A 22 -5.48 -13.40 -19.08
CA CYS A 22 -6.44 -12.32 -18.90
C CYS A 22 -7.70 -12.68 -19.69
N THR A 23 -8.82 -12.83 -18.99
CA THR A 23 -10.06 -13.19 -19.67
C THR A 23 -11.17 -12.16 -19.48
N GLY A 24 -11.68 -11.67 -20.60
CA GLY A 24 -12.70 -10.63 -20.59
C GLY A 24 -13.91 -11.08 -21.36
N SER A 25 -14.30 -10.29 -22.35
CA SER A 25 -15.55 -10.51 -23.08
C SER A 25 -15.41 -10.02 -24.50
N SER A 26 -16.42 -10.28 -25.32
CA SER A 26 -16.34 -9.84 -26.70
C SER A 26 -16.43 -8.31 -26.81
N SER A 27 -16.94 -7.66 -25.77
CA SER A 27 -17.12 -6.21 -25.77
C SER A 27 -15.86 -5.43 -25.32
N ASP A 28 -14.77 -6.15 -25.09
CA ASP A 28 -13.51 -5.47 -24.75
C ASP A 28 -12.33 -6.15 -25.43
N VAL A 29 -11.77 -7.14 -24.75
CA VAL A 29 -10.59 -7.83 -25.26
C VAL A 29 -10.81 -8.47 -26.62
N GLY A 30 -12.03 -8.95 -26.87
CA GLY A 30 -12.35 -9.58 -28.13
C GLY A 30 -12.55 -8.63 -29.30
N SER A 31 -12.88 -7.37 -29.00
CA SER A 31 -13.33 -6.46 -30.05
C SER A 31 -12.31 -5.37 -30.38
N TYR A 32 -11.16 -5.42 -29.72
CA TYR A 32 -10.09 -4.50 -30.08
C TYR A 32 -8.73 -5.14 -29.91
N ASN A 33 -7.74 -4.53 -30.56
CA ASN A 33 -6.34 -4.82 -30.27
C ASN A 33 -5.81 -3.77 -29.30
N LEU A 34 -6.55 -3.52 -28.22
CA LEU A 34 -6.14 -2.51 -27.24
C LEU A 34 -5.96 -3.11 -25.85
N VAL A 35 -5.14 -4.15 -25.77
CA VAL A 35 -4.78 -4.75 -24.49
C VAL A 35 -3.45 -4.16 -24.01
N SER A 36 -3.39 -3.80 -22.72
CA SER A 36 -2.15 -3.31 -22.15
C SER A 36 -1.78 -4.02 -20.86
N TRP A 37 -0.50 -4.34 -20.72
CA TRP A 37 -0.03 -5.04 -19.54
C TRP A 37 0.81 -4.10 -18.71
N TYR A 38 0.49 -4.03 -17.43
CA TYR A 38 1.18 -3.14 -16.51
C TYR A 38 1.95 -3.96 -15.47
N GLN A 39 3.14 -3.48 -15.14
CA GLN A 39 3.95 -4.07 -14.07
C GLN A 39 4.03 -3.12 -12.89
N GLN A 40 3.78 -3.60 -11.66
CA GLN A 40 4.01 -2.72 -10.51
C GLN A 40 4.65 -3.38 -9.28
N HIS A 41 5.60 -2.66 -8.68
CA HIS A 41 6.33 -3.11 -7.49
C HIS A 41 5.77 -2.39 -6.24
N PRO A 42 5.85 -3.05 -5.07
CA PRO A 42 5.22 -2.66 -3.79
C PRO A 42 5.03 -1.18 -3.43
N GLY A 43 5.96 -0.30 -3.78
CA GLY A 43 5.77 1.09 -3.42
C GLY A 43 5.48 1.98 -4.62
N LYS A 44 5.86 1.50 -5.79
CA LYS A 44 5.84 2.30 -7.01
C LYS A 44 4.43 2.41 -7.63
N ALA A 45 4.37 3.10 -8.76
CA ALA A 45 3.15 3.19 -9.55
C ALA A 45 3.29 2.14 -10.66
N PRO A 46 2.15 1.72 -11.27
CA PRO A 46 2.21 0.77 -12.39
C PRO A 46 3.11 1.28 -13.50
N LYS A 47 3.76 0.37 -14.22
CA LYS A 47 4.58 0.73 -15.37
C LYS A 47 4.11 -0.03 -16.62
N LEU A 48 4.09 0.66 -17.75
CA LEU A 48 3.66 0.04 -19.00
C LEU A 48 4.74 -0.88 -19.54
N MET A 49 4.37 -2.12 -19.85
CA MET A 49 5.25 -3.08 -20.53
C MET A 49 4.84 -3.28 -21.98
N ILE A 50 3.64 -3.83 -22.16
CA ILE A 50 3.10 -4.18 -23.47
C ILE A 50 1.86 -3.31 -23.72
N TYR A 51 1.74 -2.78 -24.93
CA TYR A 51 0.59 -1.95 -25.26
C TYR A 51 0.03 -2.38 -26.60
N GLU A 52 -1.29 -2.22 -26.78
CA GLU A 52 -1.98 -2.69 -27.98
C GLU A 52 -1.64 -4.16 -28.26
N VAL A 53 -1.97 -5.02 -27.29
CA VAL A 53 -1.79 -6.48 -27.36
C VAL A 53 -0.35 -6.99 -27.26
N ASN A 54 0.51 -6.55 -28.19
CA ASN A 54 1.83 -7.15 -28.35
C ASN A 54 3.01 -6.15 -28.44
N LYS A 55 2.72 -4.87 -28.69
CA LYS A 55 3.77 -3.87 -28.92
C LYS A 55 4.59 -3.58 -27.68
N TRP A 56 5.90 -3.40 -27.87
CA TRP A 56 6.82 -3.13 -26.76
C TRP A 56 6.90 -1.62 -26.44
N ALA A 57 6.74 -1.29 -25.15
CA ALA A 57 7.00 0.07 -24.67
C ALA A 57 8.50 0.25 -24.57
N SER A 58 8.96 1.50 -24.61
CA SER A 58 10.38 1.81 -24.50
C SER A 58 10.96 1.23 -23.21
N GLY A 59 12.13 0.61 -23.33
CA GLY A 59 12.83 0.08 -22.17
C GLY A 59 12.28 -1.23 -21.63
N VAL A 60 11.81 -2.09 -22.54
CA VAL A 60 11.24 -3.38 -22.15
C VAL A 60 11.82 -4.51 -23.01
N SER A 61 12.27 -5.58 -22.34
CA SER A 61 12.91 -6.72 -22.99
C SER A 61 11.92 -7.62 -23.71
N ASP A 62 12.40 -8.34 -24.74
CA ASP A 62 11.57 -9.31 -25.45
C ASP A 62 11.22 -10.49 -24.54
N ARG A 63 11.78 -10.48 -23.32
CA ARG A 63 11.35 -11.36 -22.24
C ARG A 63 9.82 -11.37 -22.26
N PHE A 64 9.25 -10.18 -22.25
CA PHE A 64 7.80 -9.98 -22.25
C PHE A 64 7.25 -9.97 -23.67
N ALA A 65 6.26 -10.83 -23.93
CA ALA A 65 5.56 -10.83 -25.21
C ALA A 65 4.06 -10.94 -24.97
N GLY A 66 3.29 -10.31 -25.84
CA GLY A 66 1.85 -10.27 -25.66
C GLY A 66 1.10 -10.95 -26.76
N SER A 67 0.08 -11.71 -26.39
CA SER A 67 -0.79 -12.33 -27.39
C SER A 67 -2.26 -12.25 -26.98
N LYS A 68 -3.12 -12.59 -27.92
CA LYS A 68 -4.55 -12.62 -27.69
C LYS A 68 -5.23 -13.79 -28.41
N SER A 69 -6.15 -14.46 -27.71
CA SER A 69 -6.94 -15.55 -28.29
C SER A 69 -8.41 -15.24 -28.08
N GLY A 70 -9.06 -14.71 -29.11
CA GLY A 70 -10.44 -14.28 -28.99
C GLY A 70 -10.63 -13.33 -27.81
N ASN A 71 -11.00 -13.89 -26.66
CA ASN A 71 -11.27 -13.07 -25.47
C ASN A 71 -10.22 -13.24 -24.37
N THR A 72 -9.13 -13.94 -24.67
CA THR A 72 -8.08 -14.15 -23.68
C THR A 72 -6.74 -13.51 -24.05
N ALA A 73 -6.32 -12.54 -23.22
CA ALA A 73 -5.03 -11.90 -23.36
C ALA A 73 -3.99 -12.72 -22.65
N SER A 74 -2.78 -12.82 -23.20
CA SER A 74 -1.72 -13.48 -22.46
C SER A 74 -0.38 -12.78 -22.57
N LEU A 75 0.29 -12.69 -21.43
CA LEU A 75 1.64 -12.17 -21.33
C LEU A 75 2.60 -13.33 -21.07
N THR A 76 3.39 -13.68 -22.09
CA THR A 76 4.41 -14.70 -21.94
C THR A 76 5.75 -14.02 -21.59
N ILE A 77 6.44 -14.56 -20.59
CA ILE A 77 7.71 -14.00 -20.16
C ILE A 77 8.83 -15.07 -20.20
N SER A 78 9.95 -14.77 -20.86
CA SER A 78 11.04 -15.74 -21.05
C SER A 78 12.40 -15.24 -20.54
N ARG A 79 13.37 -16.15 -20.41
CA ARG A 79 14.68 -15.83 -19.85
C ARG A 79 14.49 -15.12 -18.50
N LEU A 80 13.56 -15.63 -17.71
CA LEU A 80 13.14 -15.04 -16.43
C LEU A 80 14.27 -14.48 -15.59
N GLN A 81 14.01 -13.35 -14.95
CA GLN A 81 14.96 -12.81 -13.98
C GLN A 81 14.38 -12.87 -12.55
N ALA A 82 14.46 -11.77 -11.79
CA ALA A 82 14.05 -11.83 -10.39
C ALA A 82 13.43 -10.53 -9.87
N GLU A 83 13.63 -9.45 -10.61
CA GLU A 83 13.13 -8.12 -10.23
C GLU A 83 11.64 -7.97 -10.57
N ASP A 84 11.02 -9.09 -10.97
CA ASP A 84 9.59 -9.14 -11.20
C ASP A 84 8.90 -9.25 -9.85
N GLU A 85 8.81 -10.48 -9.32
CA GLU A 85 8.42 -10.71 -7.91
C GLU A 85 7.24 -9.89 -7.37
N ALA A 86 6.46 -9.30 -8.28
CA ALA A 86 5.38 -8.41 -7.90
C ALA A 86 4.18 -8.56 -8.83
N ASN A 87 3.59 -7.44 -9.23
CA ASN A 87 2.24 -7.49 -9.77
C ASN A 87 2.05 -7.21 -11.26
N TYR A 88 1.25 -8.05 -11.91
CA TYR A 88 0.90 -7.82 -13.31
C TYR A 88 -0.60 -7.62 -13.51
N PHE A 89 -0.98 -6.42 -13.97
CA PHE A 89 -2.36 -6.07 -14.24
C PHE A 89 -2.55 -6.01 -15.75
N CYS A 90 -3.69 -6.53 -16.25
CA CYS A 90 -4.03 -6.37 -17.67
C CYS A 90 -5.09 -5.28 -17.81
N SER A 91 -5.23 -4.74 -19.02
CA SER A 91 -6.23 -3.70 -19.23
C SER A 91 -6.63 -3.69 -20.70
N SER A 92 -7.92 -3.42 -20.96
CA SER A 92 -8.41 -3.36 -22.33
C SER A 92 -9.39 -2.21 -22.47
N SER A 93 -9.48 -1.63 -23.66
CA SER A 93 -10.56 -0.69 -23.95
C SER A 93 -11.84 -1.48 -23.98
N THR A 94 -12.95 -0.81 -23.71
CA THR A 94 -14.25 -1.46 -23.79
C THR A 94 -14.98 -0.79 -24.92
N ASN A 95 -16.22 -1.19 -25.19
CA ASN A 95 -16.99 -0.55 -26.23
C ASN A 95 -17.91 0.52 -25.68
N SER A 96 -17.80 0.80 -24.39
CA SER A 96 -18.50 1.94 -23.83
C SER A 96 -17.48 3.07 -23.71
N ALA A 97 -16.37 2.91 -24.43
CA ALA A 97 -15.31 3.89 -24.46
C ALA A 97 -14.71 4.08 -23.06
N THR A 98 -14.60 2.96 -22.34
CA THR A 98 -13.95 2.99 -21.05
C THR A 98 -12.75 2.06 -21.02
N VAL A 99 -12.05 2.04 -19.88
CA VAL A 99 -10.94 1.12 -19.67
C VAL A 99 -11.31 0.18 -18.53
N ILE A 100 -11.03 -1.11 -18.72
CA ILE A 100 -11.26 -2.12 -17.71
C ILE A 100 -9.93 -2.79 -17.32
N PHE A 101 -9.71 -2.99 -16.01
CA PHE A 101 -8.49 -3.66 -15.58
C PHE A 101 -8.78 -5.03 -15.00
N GLY A 102 -7.85 -5.96 -15.21
CA GLY A 102 -7.92 -7.26 -14.56
C GLY A 102 -7.71 -7.13 -13.07
N GLY A 103 -8.03 -8.20 -12.34
CA GLY A 103 -7.87 -8.20 -10.89
C GLY A 103 -6.43 -8.20 -10.36
N GLY A 104 -5.48 -8.58 -11.22
CA GLY A 104 -4.06 -8.51 -10.87
C GLY A 104 -3.41 -9.84 -10.55
N THR A 105 -2.60 -10.35 -11.47
CA THR A 105 -1.77 -11.50 -11.16
C THR A 105 -0.66 -11.09 -10.19
N LYS A 106 -0.80 -11.51 -8.94
CA LYS A 106 0.26 -11.32 -7.95
C LYS A 106 1.32 -12.43 -8.10
N LEU A 107 2.44 -12.08 -8.72
CA LEU A 107 3.50 -13.04 -9.04
C LEU A 107 4.51 -13.20 -7.89
N THR A 108 5.15 -14.36 -7.84
CA THR A 108 6.09 -14.72 -6.77
C THR A 108 7.28 -15.57 -7.27
N VAL A 109 8.08 -15.01 -8.18
CA VAL A 109 9.26 -15.67 -8.78
C VAL A 109 10.28 -16.17 -7.72
N LEU A 110 11.22 -17.02 -8.13
CA LEU A 110 12.28 -17.47 -7.23
C LEU A 110 13.60 -17.70 -7.97
N GLY A 111 14.46 -16.69 -7.93
CA GLY A 111 15.82 -16.74 -8.45
C GLY A 111 16.72 -15.84 -7.63
N GLN A 112 16.13 -15.20 -6.62
CA GLN A 112 16.82 -14.34 -5.69
C GLN A 112 16.96 -15.11 -4.38
N PRO A 113 17.94 -14.76 -3.54
CA PRO A 113 17.93 -15.32 -2.19
C PRO A 113 16.70 -14.84 -1.42
N LYS A 114 16.88 -13.81 -0.59
CA LYS A 114 15.79 -13.29 0.22
C LYS A 114 16.22 -12.00 0.88
N GLY A 115 15.96 -11.99 2.18
CA GLY A 115 15.98 -10.83 3.03
C GLY A 115 14.84 -11.23 3.96
N ALA A 116 15.10 -12.22 4.82
CA ALA A 116 14.06 -12.77 5.70
C ALA A 116 13.72 -11.77 6.81
N PRO A 117 12.45 -11.77 7.25
CA PRO A 117 11.99 -10.75 8.22
C PRO A 117 12.45 -11.00 9.66
N SER A 118 12.97 -9.96 10.30
CA SER A 118 13.12 -9.97 11.75
C SER A 118 11.74 -9.70 12.33
N VAL A 119 11.32 -10.52 13.27
CA VAL A 119 10.01 -10.36 13.86
C VAL A 119 10.15 -10.13 15.34
N THR A 120 9.42 -9.15 15.84
CA THR A 120 9.42 -8.91 17.27
C THR A 120 7.98 -8.81 17.73
N LEU A 121 7.63 -9.64 18.71
CA LEU A 121 6.27 -9.66 19.25
C LEU A 121 6.31 -9.16 20.71
N PHE A 122 5.53 -8.12 21.00
CA PHE A 122 5.38 -7.65 22.39
C PHE A 122 3.96 -8.00 22.89
N PRO A 123 3.87 -8.57 24.12
CA PRO A 123 2.63 -8.81 24.87
C PRO A 123 2.04 -7.51 25.38
N PRO A 124 0.77 -7.51 25.82
CA PRO A 124 0.16 -6.28 26.37
C PRO A 124 1.00 -5.79 27.55
N SER A 125 1.16 -4.48 27.69
CA SER A 125 1.93 -3.95 28.81
C SER A 125 1.04 -3.98 30.04
N SER A 126 1.64 -4.15 31.23
CA SER A 126 0.86 -4.13 32.48
C SER A 126 0.02 -2.89 32.60
N GLU A 127 0.57 -1.76 32.18
CA GLU A 127 -0.14 -0.49 32.30
C GLU A 127 -1.38 -0.49 31.41
N GLU A 128 -1.33 -1.23 30.29
CA GLU A 128 -2.48 -1.26 29.37
C GLU A 128 -3.57 -2.17 29.89
N LEU A 129 -3.19 -3.39 30.29
CA LEU A 129 -4.12 -4.31 30.93
C LEU A 129 -4.79 -3.62 32.12
N GLN A 130 -3.99 -2.92 32.93
CA GLN A 130 -4.48 -2.18 34.10
C GLN A 130 -5.53 -1.16 33.68
N ALA A 131 -5.43 -0.66 32.46
CA ALA A 131 -6.37 0.32 31.94
C ALA A 131 -7.46 -0.37 31.11
N ASN A 132 -7.70 -1.65 31.42
CA ASN A 132 -8.68 -2.52 30.76
C ASN A 132 -8.69 -2.62 29.21
N LYS A 133 -7.51 -2.66 28.61
CA LYS A 133 -7.35 -2.96 27.18
C LYS A 133 -6.19 -3.97 27.03
N ALA A 134 -5.96 -4.46 25.82
CA ALA A 134 -4.75 -5.26 25.52
C ALA A 134 -4.40 -5.19 24.04
N THR A 135 -3.13 -4.96 23.73
CA THR A 135 -2.71 -4.88 22.35
C THR A 135 -1.44 -5.69 22.16
N LEU A 136 -1.52 -6.72 21.31
CA LEU A 136 -0.32 -7.45 20.94
C LEU A 136 0.26 -6.73 19.74
N VAL A 137 1.58 -6.50 19.79
CA VAL A 137 2.28 -5.77 18.76
C VAL A 137 3.34 -6.62 18.07
N CYS A 138 3.25 -6.66 16.75
CA CYS A 138 4.15 -7.48 15.95
C CYS A 138 4.90 -6.61 14.95
N LEU A 139 6.19 -6.47 15.20
CA LEU A 139 7.04 -5.59 14.39
C LEU A 139 7.91 -6.43 13.45
N ILE A 140 7.81 -6.09 12.17
CA ILE A 140 8.38 -6.91 11.12
C ILE A 140 9.29 -6.06 10.24
N SER A 141 10.58 -6.40 10.23
CA SER A 141 11.53 -5.53 9.55
C SER A 141 12.54 -6.29 8.68
N ASP A 142 13.35 -5.55 7.91
CA ASP A 142 14.46 -6.10 7.12
C ASP A 142 14.08 -7.15 6.10
N PHE A 143 12.85 -7.11 5.59
CA PHE A 143 12.50 -8.11 4.60
C PHE A 143 12.49 -7.59 3.17
N TYR A 144 12.97 -8.45 2.27
CA TYR A 144 12.94 -8.20 0.85
C TYR A 144 12.73 -9.53 0.14
N PRO A 145 11.81 -9.59 -0.81
CA PRO A 145 11.03 -8.47 -1.36
C PRO A 145 9.82 -8.10 -0.49
N GLY A 146 9.41 -6.83 -0.59
CA GLY A 146 8.33 -6.29 0.21
C GLY A 146 6.96 -6.88 -0.05
N ALA A 147 6.81 -8.17 0.23
CA ALA A 147 5.51 -8.79 0.23
C ALA A 147 5.46 -9.71 1.43
N VAL A 148 4.41 -9.56 2.25
CA VAL A 148 4.30 -10.36 3.43
C VAL A 148 2.83 -10.67 3.72
N THR A 149 2.53 -11.86 4.22
CA THR A 149 1.23 -12.10 4.83
C THR A 149 1.40 -12.35 6.33
N VAL A 150 0.52 -11.75 7.14
CA VAL A 150 0.61 -11.87 8.59
C VAL A 150 -0.60 -12.61 9.17
N ALA A 151 -0.34 -13.63 9.98
CA ALA A 151 -1.42 -14.44 10.57
C ALA A 151 -1.28 -14.46 12.10
N TRP A 152 -2.40 -14.37 12.79
CA TRP A 152 -2.38 -14.43 14.24
C TRP A 152 -3.08 -15.71 14.68
N LYS A 153 -2.64 -16.28 15.80
CA LYS A 153 -3.31 -17.44 16.39
C LYS A 153 -3.37 -17.26 17.90
N ALA A 154 -4.49 -17.67 18.50
CA ALA A 154 -4.58 -17.79 19.95
C ALA A 154 -4.46 -19.28 20.21
N ASP A 155 -3.44 -19.66 20.98
CA ASP A 155 -3.05 -21.05 21.09
C ASP A 155 -2.72 -21.59 19.71
N SER A 156 -3.50 -22.57 19.26
CA SER A 156 -3.25 -23.23 17.99
C SER A 156 -4.21 -22.77 16.89
N SER A 157 -5.29 -22.09 17.29
CA SER A 157 -6.34 -21.69 16.34
C SER A 157 -6.23 -20.25 15.83
N PRO A 158 -6.50 -20.03 14.53
CA PRO A 158 -6.39 -18.70 13.92
C PRO A 158 -7.32 -17.66 14.53
N VAL A 159 -6.92 -16.40 14.40
CA VAL A 159 -7.64 -15.27 14.95
C VAL A 159 -7.63 -14.21 13.88
N LYS A 160 -8.81 -13.73 13.45
CA LYS A 160 -8.84 -12.73 12.37
C LYS A 160 -9.42 -11.38 12.79
N ALA A 161 -10.25 -11.37 13.82
CA ALA A 161 -10.82 -10.14 14.35
C ALA A 161 -9.84 -9.39 15.26
N GLY A 162 -9.89 -8.05 15.22
CA GLY A 162 -9.09 -7.24 16.12
C GLY A 162 -7.69 -7.03 15.60
N VAL A 163 -7.50 -7.38 14.33
CA VAL A 163 -6.22 -7.29 13.67
C VAL A 163 -6.16 -6.08 12.74
N GLU A 164 -5.16 -5.24 12.92
CA GLU A 164 -4.83 -4.19 11.98
C GLU A 164 -3.38 -4.43 11.49
N THR A 165 -3.18 -4.39 10.19
CA THR A 165 -1.87 -4.69 9.62
C THR A 165 -1.53 -3.72 8.50
N THR A 166 -0.35 -3.12 8.59
CA THR A 166 0.05 -2.11 7.62
C THR A 166 0.36 -2.81 6.30
N THR A 167 0.41 -2.04 5.22
CA THR A 167 1.03 -2.57 4.02
C THR A 167 2.53 -2.39 4.18
N PRO A 168 3.29 -3.31 3.58
CA PRO A 168 4.75 -3.19 3.70
C PRO A 168 5.20 -1.86 3.07
N SER A 169 6.06 -1.12 3.77
CA SER A 169 6.60 0.15 3.27
C SER A 169 8.11 0.10 3.42
N LYS A 170 8.81 0.84 2.56
CA LYS A 170 10.26 0.75 2.45
C LYS A 170 10.96 1.27 3.70
N GLN A 171 11.78 0.40 4.27
CA GLN A 171 12.74 0.80 5.28
C GLN A 171 13.92 1.50 4.63
N SER A 172 14.62 2.26 5.46
CA SER A 172 15.74 3.04 5.01
C SER A 172 16.99 2.24 4.64
N ASN A 173 16.84 0.94 4.36
CA ASN A 173 17.98 0.10 3.96
C ASN A 173 17.74 -0.54 2.60
N ASN A 174 16.61 -0.18 1.99
CA ASN A 174 16.07 -0.85 0.80
C ASN A 174 15.64 -2.27 1.11
N LYS A 175 15.23 -2.47 2.37
CA LYS A 175 14.39 -3.59 2.71
C LYS A 175 13.04 -3.01 3.14
N TYR A 176 12.19 -3.81 3.76
CA TYR A 176 10.84 -3.35 4.04
C TYR A 176 10.43 -3.61 5.47
N ALA A 177 9.50 -2.78 5.96
CA ALA A 177 8.94 -3.01 7.28
C ALA A 177 7.41 -3.06 7.21
N ALA A 178 6.81 -3.68 8.22
CA ALA A 178 5.37 -3.63 8.41
C ALA A 178 5.08 -3.95 9.88
N SER A 179 3.85 -3.74 10.31
CA SER A 179 3.53 -4.05 11.68
C SER A 179 2.09 -4.50 11.78
N SER A 180 1.79 -5.28 12.80
CA SER A 180 0.44 -5.78 12.91
C SER A 180 0.02 -5.74 14.36
N TYR A 181 -1.20 -5.27 14.58
CA TYR A 181 -1.70 -5.11 15.93
C TYR A 181 -2.86 -6.07 16.18
N LEU A 182 -2.85 -6.73 17.34
CA LEU A 182 -3.99 -7.57 17.76
C LEU A 182 -4.67 -6.99 19.00
N SER A 183 -5.92 -6.55 18.88
CA SER A 183 -6.66 -6.03 20.02
C SER A 183 -7.39 -7.12 20.77
N LEU A 184 -7.25 -7.12 22.08
CA LEU A 184 -7.73 -8.19 22.95
C LEU A 184 -8.38 -7.55 24.17
N THR A 185 -9.28 -8.30 24.81
CA THR A 185 -9.75 -7.94 26.14
C THR A 185 -8.76 -8.61 27.07
N PRO A 186 -8.44 -7.94 28.19
CA PRO A 186 -7.46 -8.47 29.15
C PRO A 186 -7.83 -9.90 29.53
N GLU A 187 -9.12 -10.18 29.53
CA GLU A 187 -9.62 -11.50 29.90
C GLU A 187 -9.24 -12.53 28.83
N GLN A 188 -9.37 -12.15 27.56
CA GLN A 188 -8.90 -13.02 26.47
C GLN A 188 -7.42 -13.36 26.66
N TRP A 189 -6.58 -12.32 26.73
CA TRP A 189 -5.14 -12.46 26.96
C TRP A 189 -4.80 -13.41 28.11
N LYS A 190 -5.41 -13.19 29.27
CA LYS A 190 -5.15 -14.00 30.46
C LYS A 190 -5.55 -15.45 30.27
N SER A 191 -6.68 -15.66 29.59
CA SER A 191 -7.30 -16.97 29.43
C SER A 191 -6.85 -17.73 28.17
N HIS A 192 -5.55 -17.76 27.90
CA HIS A 192 -5.02 -18.56 26.80
C HIS A 192 -3.60 -18.96 27.15
N ARG A 193 -3.19 -20.14 26.72
CA ARG A 193 -1.80 -20.58 26.90
C ARG A 193 -0.90 -19.55 26.23
N SER A 194 -1.26 -19.09 25.02
CA SER A 194 -0.41 -18.19 24.25
C SER A 194 -1.07 -17.57 23.01
N TYR A 195 -0.52 -16.44 22.56
CA TYR A 195 -0.85 -15.88 21.25
C TYR A 195 0.40 -15.90 20.39
N SER A 196 0.22 -15.92 19.07
CA SER A 196 1.36 -16.02 18.17
C SER A 196 1.15 -15.14 16.98
N CYS A 197 2.24 -14.52 16.54
CA CYS A 197 2.24 -13.73 15.33
C CYS A 197 3.07 -14.50 14.32
N GLN A 198 2.51 -14.83 13.16
CA GLN A 198 3.32 -15.53 12.17
C GLN A 198 3.41 -14.82 10.83
N VAL A 199 4.64 -14.48 10.44
CA VAL A 199 4.88 -13.69 9.23
C VAL A 199 5.30 -14.64 8.14
N THR A 200 4.61 -14.58 7.00
CA THR A 200 4.93 -15.46 5.88
C THR A 200 5.47 -14.64 4.72
N HIS A 201 6.65 -15.01 4.24
CA HIS A 201 7.38 -14.15 3.32
C HIS A 201 7.44 -14.78 1.93
N GLU A 202 8.45 -15.61 1.68
CA GLU A 202 8.54 -16.21 0.34
C GLU A 202 8.45 -17.73 0.42
N GLY A 203 7.30 -18.20 0.92
CA GLY A 203 7.08 -19.62 1.17
C GLY A 203 7.55 -19.98 2.58
N SER A 204 8.43 -19.15 3.14
CA SER A 204 8.97 -19.37 4.47
C SER A 204 8.24 -18.57 5.53
N THR A 205 8.21 -19.08 6.74
CA THR A 205 7.40 -18.48 7.80
C THR A 205 8.26 -18.26 9.03
N VAL A 206 8.04 -17.15 9.70
CA VAL A 206 8.64 -16.93 11.00
C VAL A 206 7.50 -16.72 11.99
N GLU A 207 7.59 -17.36 13.16
CA GLU A 207 6.52 -17.26 14.14
C GLU A 207 7.09 -16.91 15.51
N LYS A 208 6.61 -15.80 16.05
CA LYS A 208 6.95 -15.39 17.39
C LYS A 208 5.74 -15.62 18.32
N THR A 209 6.01 -16.04 19.55
CA THR A 209 4.96 -16.53 20.46
C THR A 209 5.14 -15.92 21.85
N VAL A 210 4.07 -15.39 22.44
CA VAL A 210 4.12 -14.84 23.79
C VAL A 210 3.03 -15.43 24.68
N ALA A 211 3.28 -15.49 26.00
CA ALA A 211 2.30 -16.02 26.95
C ALA A 211 2.14 -15.14 28.19
N PRO A 212 0.94 -15.18 28.83
CA PRO A 212 0.82 -14.59 30.17
C PRO A 212 1.34 -15.53 31.26
N GLN B 1 11.94 13.75 -19.00
CA GLN B 1 11.40 15.03 -18.54
C GLN B 1 9.85 15.08 -18.41
N VAL B 2 9.10 14.24 -19.14
CA VAL B 2 7.65 14.17 -18.91
C VAL B 2 7.33 13.71 -17.48
N GLN B 3 6.71 14.60 -16.68
CA GLN B 3 6.49 14.33 -15.26
C GLN B 3 5.09 14.78 -14.81
N LEU B 4 4.46 13.97 -13.97
CA LEU B 4 3.15 14.25 -13.37
C LEU B 4 3.35 14.21 -11.84
N VAL B 5 2.96 15.28 -11.14
CA VAL B 5 3.11 15.38 -9.68
C VAL B 5 1.79 15.66 -8.94
N GLN B 6 1.39 14.73 -8.08
CA GLN B 6 0.07 14.81 -7.45
C GLN B 6 0.11 15.51 -6.11
N SER B 7 -1.05 16.00 -5.66
CA SER B 7 -1.11 16.76 -4.42
C SER B 7 -0.95 15.81 -3.22
N GLY B 8 -0.69 16.36 -2.03
CA GLY B 8 -0.30 15.53 -0.90
C GLY B 8 -1.47 14.77 -0.30
N ALA B 9 -1.16 13.66 0.37
CA ALA B 9 -2.16 12.79 1.01
C ALA B 9 -3.21 13.58 1.80
N GLU B 10 -4.41 13.03 1.93
CA GLU B 10 -5.52 13.78 2.49
C GLU B 10 -6.43 12.91 3.31
N LEU B 11 -7.39 13.54 3.95
CA LEU B 11 -8.15 12.89 5.00
C LEU B 11 -9.49 13.57 5.09
N LYS B 12 -10.56 12.79 4.98
CA LYS B 12 -11.89 13.35 4.97
C LYS B 12 -12.82 12.48 5.79
N LYS B 13 -13.83 13.12 6.36
CA LYS B 13 -14.87 12.41 7.08
C LYS B 13 -15.76 11.79 6.04
N PRO B 14 -16.43 10.67 6.38
CA PRO B 14 -17.37 10.06 5.44
C PRO B 14 -18.49 11.04 5.14
N GLY B 15 -19.02 11.02 3.91
CA GLY B 15 -20.07 11.96 3.52
C GLY B 15 -19.54 13.29 3.03
N ALA B 16 -18.21 13.37 2.84
CA ALA B 16 -17.55 14.62 2.45
C ALA B 16 -16.87 14.51 1.08
N SER B 17 -16.49 15.67 0.53
CA SER B 17 -15.84 15.70 -0.79
C SER B 17 -14.33 15.78 -0.67
N VAL B 18 -13.64 15.20 -1.65
CA VAL B 18 -12.21 15.38 -1.78
C VAL B 18 -11.90 15.95 -3.17
N LYS B 19 -10.81 16.70 -3.29
CA LYS B 19 -10.30 17.14 -4.58
C LYS B 19 -8.77 16.91 -4.71
N VAL B 20 -8.35 16.25 -5.78
CA VAL B 20 -6.93 15.95 -6.02
C VAL B 20 -6.40 16.63 -7.28
N SER B 21 -5.20 17.16 -7.20
CA SER B 21 -4.64 17.81 -8.36
C SER B 21 -3.50 16.99 -8.93
N CYS B 22 -3.12 17.33 -10.15
CA CYS B 22 -2.13 16.58 -10.88
C CYS B 22 -1.44 17.58 -11.77
N LYS B 23 -0.23 17.97 -11.36
CA LYS B 23 0.53 18.99 -12.08
C LYS B 23 1.41 18.30 -13.13
N ALA B 24 1.42 18.86 -14.32
CA ALA B 24 2.18 18.28 -15.43
C ALA B 24 3.35 19.21 -15.74
N SER B 25 4.49 18.63 -16.09
CA SER B 25 5.60 19.40 -16.62
C SER B 25 6.34 18.52 -17.61
N GLY B 26 7.11 19.13 -18.49
CA GLY B 26 7.76 18.39 -19.56
C GLY B 26 6.83 18.32 -20.76
N TYR B 27 5.55 18.63 -20.54
CA TYR B 27 4.59 18.67 -21.64
C TYR B 27 3.39 19.57 -21.34
N THR B 28 2.55 19.75 -22.34
CA THR B 28 1.39 20.59 -22.18
C THR B 28 0.23 19.66 -21.88
N LEU B 29 -0.29 19.79 -20.66
CA LEU B 29 -1.37 18.95 -20.14
C LEU B 29 -2.53 18.78 -21.13
N SER B 30 -2.95 19.87 -21.77
CA SER B 30 -4.14 19.76 -22.63
C SER B 30 -3.93 19.09 -24.00
N ASP B 31 -2.70 18.62 -24.26
CA ASP B 31 -2.42 17.91 -25.52
C ASP B 31 -2.73 16.43 -25.43
N TYR B 32 -2.95 15.96 -24.20
CA TYR B 32 -3.06 14.55 -23.97
C TYR B 32 -4.23 14.29 -23.04
N TYR B 33 -4.90 13.15 -23.25
CA TYR B 33 -5.93 12.68 -22.34
C TYR B 33 -5.33 12.51 -20.93
N VAL B 34 -6.11 12.83 -19.90
CA VAL B 34 -5.71 12.47 -18.56
C VAL B 34 -6.63 11.34 -18.09
N HIS B 35 -6.03 10.25 -17.59
CA HIS B 35 -6.82 9.17 -17.00
C HIS B 35 -6.64 9.16 -15.51
N TRP B 36 -7.71 8.78 -14.81
CA TRP B 36 -7.63 8.61 -13.37
C TRP B 36 -7.98 7.19 -13.00
N LEU B 37 -7.04 6.51 -12.35
CA LEU B 37 -7.35 5.21 -11.78
C LEU B 37 -7.10 5.28 -10.27
N ARG B 38 -7.32 4.18 -9.57
CA ARG B 38 -7.19 4.22 -8.12
C ARG B 38 -6.88 2.82 -7.59
N GLN B 39 -6.22 2.75 -6.43
CA GLN B 39 -5.75 1.47 -5.90
C GLN B 39 -5.90 1.47 -4.39
N ALA B 40 -6.90 0.73 -3.92
CA ALA B 40 -7.13 0.59 -2.49
C ALA B 40 -5.96 -0.21 -1.90
N PRO B 41 -5.48 0.21 -0.72
CA PRO B 41 -4.26 -0.36 -0.14
C PRO B 41 -4.34 -1.88 -0.06
N GLY B 42 -3.39 -2.54 -0.71
CA GLY B 42 -3.39 -3.99 -0.80
C GLY B 42 -4.40 -4.58 -1.76
N GLN B 43 -5.10 -3.75 -2.52
CA GLN B 43 -6.05 -4.21 -3.52
C GLN B 43 -5.51 -3.98 -4.93
N GLY B 44 -6.37 -4.16 -5.95
CA GLY B 44 -5.97 -3.94 -7.33
C GLY B 44 -6.29 -2.55 -7.89
N LEU B 45 -5.94 -2.32 -9.15
CA LEU B 45 -6.23 -1.07 -9.85
C LEU B 45 -7.69 -0.98 -10.29
N GLU B 46 -8.29 0.19 -10.15
CA GLU B 46 -9.62 0.42 -10.73
C GLU B 46 -9.61 1.70 -11.57
N TRP B 47 -9.82 1.55 -12.88
CA TRP B 47 -9.88 2.71 -13.77
C TRP B 47 -11.12 3.53 -13.43
N VAL B 48 -10.95 4.85 -13.26
CA VAL B 48 -12.06 5.70 -12.86
C VAL B 48 -12.53 6.77 -13.88
N ALA B 49 -11.64 7.30 -14.72
CA ALA B 49 -12.08 8.25 -15.77
C ALA B 49 -11.05 8.57 -16.83
N TRP B 50 -11.53 9.07 -17.97
CA TRP B 50 -10.66 9.85 -18.83
C TRP B 50 -11.26 11.22 -19.04
N ILE B 51 -10.39 12.18 -19.31
CA ILE B 51 -10.87 13.53 -19.58
C ILE B 51 -10.03 14.16 -20.68
N ASN B 52 -10.73 14.75 -21.64
CA ASN B 52 -10.14 15.58 -22.68
C ASN B 52 -10.03 17.05 -22.20
N PRO B 53 -8.81 17.46 -21.77
CA PRO B 53 -8.63 18.79 -21.18
C PRO B 53 -8.97 19.95 -22.11
N THR B 54 -9.07 19.72 -23.41
CA THR B 54 -9.50 20.82 -24.30
C THR B 54 -11.01 20.99 -24.28
N SER B 55 -11.73 19.87 -24.36
CA SER B 55 -13.19 19.92 -24.52
C SER B 55 -13.85 19.87 -23.17
N GLY B 56 -13.17 19.23 -22.20
CA GLY B 56 -13.78 18.99 -20.91
C GLY B 56 -14.54 17.68 -20.90
N ARG B 57 -14.67 17.06 -22.08
CA ARG B 57 -15.38 15.78 -22.20
C ARG B 57 -14.75 14.73 -21.27
N THR B 58 -15.62 13.94 -20.63
CA THR B 58 -15.19 13.03 -19.59
C THR B 58 -16.13 11.87 -19.51
N ILE B 59 -15.58 10.67 -19.66
CA ILE B 59 -16.33 9.43 -19.48
C ILE B 59 -15.86 8.71 -18.20
N SER B 60 -16.81 8.22 -17.41
CA SER B 60 -16.48 7.37 -16.26
C SER B 60 -17.36 6.15 -16.26
N PRO B 61 -16.98 5.10 -15.53
CA PRO B 61 -17.93 3.99 -15.46
C PRO B 61 -19.21 4.41 -14.76
N ARG B 62 -20.23 3.55 -14.82
CA ARG B 62 -21.49 3.82 -14.16
C ARG B 62 -21.24 4.02 -12.66
N LYS B 63 -20.34 3.23 -12.11
CA LYS B 63 -19.97 3.32 -10.70
C LYS B 63 -19.58 4.74 -10.28
N PHE B 64 -18.73 5.41 -11.06
CA PHE B 64 -18.25 6.73 -10.66
C PHE B 64 -18.92 7.89 -11.38
N GLN B 65 -20.10 7.65 -11.94
CA GLN B 65 -20.68 8.59 -12.90
C GLN B 65 -21.32 9.84 -12.27
N GLY B 66 -21.79 9.74 -11.03
CA GLY B 66 -22.35 10.91 -10.36
C GLY B 66 -21.51 11.49 -9.21
N ARG B 67 -20.48 10.76 -8.79
CA ARG B 67 -19.66 11.17 -7.66
C ARG B 67 -18.44 12.00 -8.10
N VAL B 68 -18.07 11.89 -9.36
CA VAL B 68 -16.83 12.43 -9.88
C VAL B 68 -17.03 13.72 -10.69
N THR B 69 -16.09 14.66 -10.54
CA THR B 69 -16.11 15.88 -11.34
C THR B 69 -14.68 16.18 -11.76
N MET B 70 -14.35 15.86 -12.99
CA MET B 70 -13.01 16.13 -13.48
C MET B 70 -13.02 17.52 -14.07
N THR B 71 -11.96 18.27 -13.84
CA THR B 71 -11.81 19.60 -14.40
C THR B 71 -10.34 19.80 -14.69
N THR B 72 -10.00 20.91 -15.33
CA THR B 72 -8.61 21.22 -15.64
C THR B 72 -8.43 22.71 -15.48
N ASP B 73 -7.17 23.12 -15.40
CA ASP B 73 -6.79 24.51 -15.31
C ASP B 73 -5.51 24.57 -16.11
N THR B 74 -5.64 24.54 -17.43
CA THR B 74 -4.43 24.41 -18.26
C THR B 74 -3.51 25.62 -18.21
N SER B 75 -4.06 26.74 -17.74
CA SER B 75 -3.28 27.91 -17.37
C SER B 75 -2.15 27.52 -16.40
N MET B 76 -2.43 26.51 -15.58
CA MET B 76 -1.51 26.05 -14.54
C MET B 76 -0.93 24.67 -14.85
N ASN B 77 -1.26 24.11 -16.04
CA ASN B 77 -0.95 22.71 -16.36
C ASN B 77 -1.39 21.74 -15.25
N VAL B 78 -2.55 21.99 -14.66
CA VAL B 78 -3.02 21.14 -13.56
C VAL B 78 -4.34 20.46 -13.92
N ALA B 79 -4.46 19.18 -13.56
CA ALA B 79 -5.74 18.47 -13.70
C ALA B 79 -6.36 18.23 -12.31
N TYR B 80 -7.68 18.20 -12.24
CA TYR B 80 -8.33 17.99 -10.95
C TYR B 80 -9.27 16.80 -10.97
N MET B 81 -9.32 16.09 -9.86
CA MET B 81 -10.37 15.12 -9.68
C MET B 81 -11.10 15.43 -8.40
N GLU B 82 -12.43 15.59 -8.47
CA GLU B 82 -13.23 15.76 -7.26
C GLU B 82 -14.15 14.58 -7.05
N LEU B 83 -14.07 13.97 -5.87
CA LEU B 83 -14.90 12.81 -5.55
C LEU B 83 -15.84 13.12 -4.37
N ARG B 84 -17.16 13.07 -4.64
CA ARG B 84 -18.17 13.34 -3.61
C ARG B 84 -18.61 12.08 -2.83
N GLY B 85 -19.33 12.32 -1.72
CA GLY B 85 -19.87 11.28 -0.86
C GLY B 85 -18.89 10.20 -0.47
N LEU B 86 -17.73 10.59 0.05
CA LEU B 86 -16.70 9.60 0.40
C LEU B 86 -17.21 8.66 1.50
N ARG B 87 -16.81 7.40 1.40
CA ARG B 87 -17.05 6.41 2.44
C ARG B 87 -15.77 5.60 2.57
N SER B 88 -15.70 4.66 3.51
CA SER B 88 -14.43 3.99 3.75
C SER B 88 -13.96 3.13 2.56
N ASP B 89 -14.87 2.79 1.66
CA ASP B 89 -14.49 2.07 0.43
C ASP B 89 -13.85 3.01 -0.61
N ASP B 90 -13.97 4.32 -0.37
CA ASP B 90 -13.31 5.32 -1.19
C ASP B 90 -11.87 5.53 -0.80
N THR B 91 -11.36 4.69 0.10
CA THR B 91 -10.04 4.91 0.65
C THR B 91 -8.99 4.21 -0.21
N ALA B 92 -8.15 5.01 -0.86
CA ALA B 92 -7.16 4.45 -1.79
C ALA B 92 -6.15 5.46 -2.25
N VAL B 93 -5.11 4.96 -2.92
CA VAL B 93 -4.21 5.83 -3.67
C VAL B 93 -4.87 6.21 -5.02
N TYR B 94 -5.07 7.52 -5.24
CA TYR B 94 -5.56 7.99 -6.53
C TYR B 94 -4.41 8.41 -7.45
N PHE B 95 -4.38 7.78 -8.63
CA PHE B 95 -3.36 8.03 -9.63
C PHE B 95 -3.95 8.81 -10.79
N CYS B 96 -3.18 9.77 -11.28
CA CYS B 96 -3.45 10.33 -12.59
C CYS B 96 -2.42 9.73 -13.54
N ALA B 97 -2.79 9.65 -14.80
CA ALA B 97 -1.87 9.09 -15.78
C ALA B 97 -2.09 9.78 -17.11
N ARG B 98 -1.05 9.81 -17.93
CA ARG B 98 -1.15 10.47 -19.22
C ARG B 98 -1.38 9.42 -20.29
N GLY B 99 -2.45 9.63 -21.06
CA GLY B 99 -2.80 8.72 -22.15
C GLY B 99 -2.45 9.33 -23.49
N GLY B 100 -3.28 9.05 -24.48
CA GLY B 100 -2.93 9.31 -25.87
C GLY B 100 -2.95 10.76 -26.27
N TRP B 101 -2.47 11.04 -27.47
CA TRP B 101 -2.48 12.41 -28.00
C TRP B 101 -3.91 12.76 -28.41
N ILE B 102 -4.30 14.00 -28.13
CA ILE B 102 -5.64 14.45 -28.48
C ILE B 102 -5.75 15.01 -29.90
N SER B 103 -6.66 14.39 -30.67
CA SER B 103 -6.90 14.71 -32.08
C SER B 103 -8.35 14.39 -32.47
N LEU B 104 -8.95 15.26 -33.28
CA LEU B 104 -10.33 15.09 -33.78
C LEU B 104 -10.46 13.97 -34.82
N TYR B 105 -9.34 13.59 -35.43
CA TYR B 105 -9.42 12.68 -36.55
C TYR B 105 -9.04 11.27 -36.14
N VAL B 106 -8.28 11.19 -35.04
CA VAL B 106 -7.96 9.90 -34.42
C VAL B 106 -8.24 9.85 -32.90
N ASP B 107 -9.11 8.93 -32.52
CA ASP B 107 -9.59 8.84 -31.14
C ASP B 107 -8.73 7.91 -30.29
N TYR B 108 -7.92 8.48 -29.40
CA TYR B 108 -7.15 7.65 -28.49
C TYR B 108 -7.68 7.67 -27.08
N SER B 109 -8.83 8.32 -26.86
CA SER B 109 -9.38 8.49 -25.51
C SER B 109 -9.39 7.18 -24.66
N TYR B 110 -10.02 6.14 -25.19
CA TYR B 110 -10.20 4.91 -24.42
C TYR B 110 -8.98 3.98 -24.48
N TYR B 111 -7.89 4.42 -25.13
CA TYR B 111 -6.68 3.63 -25.18
C TYR B 111 -6.07 3.61 -23.77
N PRO B 112 -5.87 2.40 -23.19
CA PRO B 112 -5.20 2.31 -21.90
C PRO B 112 -3.68 2.31 -22.10
N ASN B 113 -3.16 3.31 -22.80
CA ASN B 113 -1.72 3.47 -22.94
C ASN B 113 -1.25 4.55 -22.01
N PHE B 114 -0.99 4.19 -20.75
CA PHE B 114 -0.53 5.18 -19.77
C PHE B 114 0.99 5.25 -19.66
N ASP B 115 1.60 6.10 -20.48
CA ASP B 115 3.05 6.22 -20.61
C ASP B 115 3.71 7.10 -19.52
N SER B 116 2.92 7.59 -18.58
CA SER B 116 3.44 8.43 -17.51
C SER B 116 2.47 8.53 -16.33
N TRP B 117 2.99 8.30 -15.13
CA TRP B 117 2.15 8.26 -13.95
C TRP B 117 2.53 9.32 -12.93
N GLY B 118 1.56 9.74 -12.14
CA GLY B 118 1.89 10.50 -10.95
C GLY B 118 2.39 9.49 -9.94
N GLN B 119 2.85 9.97 -8.78
CA GLN B 119 3.36 9.10 -7.71
C GLN B 119 2.19 8.57 -6.87
N GLY B 120 1.02 9.18 -7.03
CA GLY B 120 -0.16 8.73 -6.33
C GLY B 120 -0.49 9.62 -5.17
N THR B 121 -1.78 9.70 -4.85
CA THR B 121 -2.29 10.55 -3.78
C THR B 121 -3.18 9.71 -2.86
N LEU B 122 -2.68 9.43 -1.66
CA LEU B 122 -3.44 8.66 -0.69
C LEU B 122 -4.55 9.53 -0.13
N VAL B 123 -5.79 9.06 -0.22
CA VAL B 123 -6.87 9.71 0.53
C VAL B 123 -7.40 8.72 1.57
N SER B 124 -7.53 9.20 2.80
CA SER B 124 -8.07 8.38 3.87
C SER B 124 -9.43 8.93 4.24
N VAL B 125 -10.31 8.01 4.66
CA VAL B 125 -11.63 8.36 5.15
C VAL B 125 -11.69 7.96 6.62
N SER B 126 -12.20 8.85 7.47
CA SER B 126 -12.35 8.56 8.88
C SER B 126 -13.28 9.57 9.51
N GLY B 127 -14.27 9.08 10.26
CA GLY B 127 -15.09 9.99 11.02
C GLY B 127 -14.45 10.44 12.33
N ALA B 128 -13.10 10.46 12.36
CA ALA B 128 -12.38 10.72 13.60
C ALA B 128 -12.01 12.18 13.76
N SER B 129 -12.02 12.64 15.00
CA SER B 129 -11.70 14.02 15.33
C SER B 129 -10.39 13.95 16.09
N THR B 130 -9.69 15.07 16.17
CA THR B 130 -8.42 15.13 16.89
C THR B 130 -8.51 14.35 18.20
N LYS B 131 -7.44 13.62 18.53
CA LYS B 131 -7.36 12.84 19.75
C LYS B 131 -5.90 12.66 20.13
N GLY B 132 -5.55 12.93 21.38
CA GLY B 132 -4.22 12.64 21.85
C GLY B 132 -3.97 11.13 21.99
N PRO B 133 -2.71 10.72 21.88
CA PRO B 133 -2.26 9.33 21.90
C PRO B 133 -2.21 8.77 23.32
N SER B 134 -2.33 7.45 23.45
CA SER B 134 -2.02 6.82 24.71
C SER B 134 -0.73 6.02 24.49
N VAL B 135 0.28 6.31 25.32
CA VAL B 135 1.63 5.78 25.13
C VAL B 135 1.90 4.71 26.19
N PHE B 136 2.20 3.48 25.77
CA PHE B 136 2.49 2.39 26.69
C PHE B 136 3.89 1.84 26.49
N PRO B 137 4.57 1.48 27.59
CA PRO B 137 5.94 0.98 27.40
C PRO B 137 5.92 -0.44 26.84
N LEU B 138 6.88 -0.75 25.99
CA LEU B 138 7.08 -2.11 25.50
C LEU B 138 8.33 -2.68 26.20
N ALA B 139 8.11 -3.41 27.30
CA ALA B 139 9.21 -3.92 28.16
C ALA B 139 10.11 -4.92 27.43
N PRO B 140 11.45 -4.78 27.62
CA PRO B 140 12.41 -5.70 27.00
C PRO B 140 12.12 -7.15 27.42
N SER B 141 12.21 -8.12 26.51
CA SER B 141 11.72 -9.51 26.70
C SER B 141 12.03 -10.23 28.01
N SER B 142 12.77 -9.58 28.92
CA SER B 142 13.26 -10.20 30.17
C SER B 142 14.20 -11.38 29.91
N LYS B 143 14.20 -11.84 28.67
CA LYS B 143 15.06 -12.91 28.17
C LYS B 143 16.01 -12.25 27.19
N SER B 144 15.42 -11.61 26.17
CA SER B 144 16.12 -10.84 25.12
C SER B 144 17.22 -11.60 24.37
N THR B 149 21.88 -8.41 23.15
CA THR B 149 20.98 -7.28 22.89
C THR B 149 19.56 -7.54 23.37
N ALA B 150 18.80 -6.46 23.45
CA ALA B 150 17.48 -6.48 24.01
C ALA B 150 16.61 -5.54 23.19
N ALA B 151 15.41 -5.97 22.83
CA ALA B 151 14.46 -5.05 22.20
C ALA B 151 13.54 -4.46 23.27
N LEU B 152 13.42 -3.14 23.29
CA LEU B 152 12.39 -2.47 24.09
C LEU B 152 11.74 -1.37 23.24
N GLY B 153 10.61 -0.83 23.67
CA GLY B 153 9.95 0.19 22.87
C GLY B 153 8.76 0.91 23.48
N CYS B 154 8.00 1.58 22.61
CA CYS B 154 6.81 2.34 22.98
C CYS B 154 5.66 2.07 22.01
N LEU B 155 4.45 1.88 22.56
CA LEU B 155 3.26 1.77 21.72
C LEU B 155 2.49 3.08 21.78
N VAL B 156 2.19 3.64 20.62
CA VAL B 156 1.52 4.94 20.57
C VAL B 156 0.14 4.69 19.99
N LYS B 157 -0.81 4.53 20.90
CA LYS B 157 -2.09 3.92 20.59
C LYS B 157 -3.22 4.95 20.45
N ASP B 158 -4.06 4.75 19.43
CA ASP B 158 -5.32 5.48 19.25
C ASP B 158 -5.20 7.01 19.27
N TYR B 159 -4.49 7.56 18.30
CA TYR B 159 -4.38 9.02 18.17
C TYR B 159 -4.92 9.47 16.81
N PHE B 160 -5.11 10.78 16.65
CA PHE B 160 -5.57 11.35 15.38
C PHE B 160 -5.39 12.86 15.41
N PRO B 161 -4.91 13.45 14.30
CA PRO B 161 -4.42 12.77 13.10
C PRO B 161 -2.90 12.62 13.18
N GLU B 162 -2.28 12.24 12.07
CA GLU B 162 -0.82 12.18 11.95
C GLU B 162 -0.28 13.61 11.85
N PRO B 163 0.97 13.83 12.25
CA PRO B 163 1.91 12.80 12.67
C PRO B 163 2.16 12.74 14.19
N VAL B 164 2.55 11.56 14.66
CA VAL B 164 3.24 11.48 15.92
C VAL B 164 4.71 11.38 15.55
N THR B 165 5.52 12.30 16.08
CA THR B 165 6.99 12.20 15.98
C THR B 165 7.53 11.54 17.24
N VAL B 166 8.61 10.79 17.10
CA VAL B 166 9.16 10.04 18.22
C VAL B 166 10.68 10.08 18.28
N SER B 167 11.24 10.36 19.45
CA SER B 167 12.67 10.18 19.68
C SER B 167 12.90 9.43 21.00
N TRP B 168 14.16 9.12 21.28
CA TRP B 168 14.53 8.35 22.45
C TRP B 168 15.62 9.09 23.23
N ASN B 169 15.41 9.22 24.53
CA ASN B 169 16.36 9.93 25.40
C ASN B 169 16.67 11.35 24.89
N SER B 170 15.61 12.04 24.47
CA SER B 170 15.71 13.38 23.90
C SER B 170 16.71 13.44 22.74
N GLY B 171 16.87 12.34 22.01
CA GLY B 171 17.75 12.37 20.87
C GLY B 171 19.15 11.88 21.18
N ALA B 172 19.43 11.62 22.47
CA ALA B 172 20.75 11.13 22.84
C ALA B 172 20.96 9.67 22.44
N LEU B 173 19.88 8.99 22.06
CA LEU B 173 19.94 7.60 21.54
C LEU B 173 19.21 7.46 20.19
N THR B 174 19.99 7.18 19.15
CA THR B 174 19.49 7.11 17.76
C THR B 174 19.79 5.76 17.07
N SER B 175 20.92 5.18 17.47
CA SER B 175 21.36 3.91 16.97
C SER B 175 20.38 2.78 17.32
N GLY B 176 19.93 2.01 16.32
CA GLY B 176 19.01 0.90 16.58
C GLY B 176 17.56 1.29 16.84
N VAL B 177 17.26 2.58 16.64
CA VAL B 177 15.91 3.08 16.75
C VAL B 177 15.14 2.84 15.44
N HIS B 178 13.95 2.30 15.57
CA HIS B 178 13.10 2.03 14.42
C HIS B 178 11.71 2.48 14.84
N THR B 179 11.30 3.65 14.38
CA THR B 179 9.92 4.07 14.60
C THR B 179 9.04 3.73 13.38
N PHE B 180 8.08 2.82 13.57
CA PHE B 180 7.32 2.24 12.46
C PHE B 180 6.21 3.16 11.94
N PRO B 181 5.96 3.11 10.62
CA PRO B 181 4.82 3.86 10.04
C PRO B 181 3.56 3.54 10.81
N ALA B 182 2.69 4.52 11.01
CA ALA B 182 1.44 4.29 11.74
C ALA B 182 0.52 3.39 10.91
N VAL B 183 -0.23 2.51 11.59
CA VAL B 183 -1.32 1.79 10.93
C VAL B 183 -2.60 2.62 11.02
N LEU B 184 -3.35 2.72 9.92
CA LEU B 184 -4.66 3.37 9.98
C LEU B 184 -5.75 2.34 10.28
N GLN B 185 -6.28 2.41 11.50
CA GLN B 185 -7.17 1.38 12.01
C GLN B 185 -8.54 1.55 11.41
N SER B 186 -9.40 0.54 11.59
CA SER B 186 -10.74 0.60 11.03
C SER B 186 -11.58 1.59 11.82
N SER B 187 -11.27 1.68 13.12
CA SER B 187 -11.90 2.65 14.01
C SER B 187 -11.66 4.08 13.55
N GLY B 188 -10.62 4.28 12.73
CA GLY B 188 -10.35 5.56 12.11
C GLY B 188 -9.17 6.26 12.76
N LEU B 189 -8.70 5.70 13.88
CA LEU B 189 -7.57 6.27 14.60
C LEU B 189 -6.24 5.67 14.12
N TYR B 190 -5.12 6.24 14.56
CA TYR B 190 -3.83 5.66 14.22
C TYR B 190 -3.16 5.01 15.44
N SER B 191 -2.39 3.97 15.20
CA SER B 191 -1.40 3.57 16.20
C SER B 191 -0.06 3.45 15.51
N LEU B 192 1.01 3.59 16.27
CA LEU B 192 2.34 3.24 15.79
C LEU B 192 3.16 2.72 16.93
N SER B 193 4.33 2.20 16.59
CA SER B 193 5.24 1.81 17.62
C SER B 193 6.64 2.22 17.24
N SER B 194 7.47 2.39 18.24
CA SER B 194 8.85 2.74 17.99
C SER B 194 9.67 1.85 18.89
N VAL B 195 10.62 1.15 18.28
CA VAL B 195 11.38 0.15 19.00
C VAL B 195 12.86 0.47 18.84
N VAL B 196 13.62 0.23 19.91
CA VAL B 196 15.07 0.36 19.89
C VAL B 196 15.69 -0.90 20.49
N THR B 197 16.78 -1.39 19.88
CA THR B 197 17.55 -2.51 20.44
C THR B 197 18.79 -2.02 21.17
N VAL B 198 18.97 -2.49 22.39
CA VAL B 198 20.06 -1.99 23.23
C VAL B 198 20.85 -3.15 23.78
N PRO B 199 22.14 -2.94 24.08
CA PRO B 199 22.94 -3.99 24.72
C PRO B 199 22.24 -4.50 25.98
N SER B 200 22.23 -5.81 26.22
CA SER B 200 21.44 -6.40 27.30
C SER B 200 21.89 -5.95 28.70
N SER B 201 23.19 -5.88 28.91
CA SER B 201 23.76 -5.46 30.19
C SER B 201 23.50 -3.99 30.54
N SER B 202 22.97 -3.23 29.58
CA SER B 202 22.63 -1.82 29.82
C SER B 202 21.33 -1.68 30.62
N LEU B 203 20.46 -2.69 30.54
CA LEU B 203 19.20 -2.68 31.29
C LEU B 203 19.51 -2.54 32.79
N GLY B 204 18.63 -1.87 33.52
CA GLY B 204 18.84 -1.72 34.95
C GLY B 204 19.80 -0.60 35.35
N THR B 205 20.63 -0.16 34.40
CA THR B 205 21.60 0.90 34.66
C THR B 205 21.31 2.17 33.84
N GLN B 206 21.04 1.97 32.55
CA GLN B 206 20.66 3.05 31.65
C GLN B 206 19.14 3.19 31.63
N THR B 207 18.61 4.37 31.93
CA THR B 207 17.18 4.56 31.83
C THR B 207 16.80 4.85 30.38
N TYR B 208 15.64 4.37 29.96
CA TYR B 208 15.20 4.60 28.58
C TYR B 208 13.87 5.33 28.52
N ILE B 209 13.79 6.37 27.71
CA ILE B 209 12.56 7.15 27.63
C ILE B 209 12.26 7.45 26.18
N CYS B 210 11.02 7.24 25.78
CA CYS B 210 10.67 7.64 24.44
C CYS B 210 9.92 8.93 24.53
N ASN B 211 10.28 9.86 23.63
CA ASN B 211 9.70 11.18 23.58
C ASN B 211 8.69 11.22 22.45
N VAL B 212 7.45 10.89 22.78
CA VAL B 212 6.33 10.95 21.82
C VAL B 212 5.79 12.36 21.75
N ASN B 213 5.61 12.87 20.52
CA ASN B 213 5.12 14.23 20.36
C ASN B 213 4.00 14.30 19.32
N HIS B 214 2.85 14.84 19.72
CA HIS B 214 1.67 14.90 18.87
C HIS B 214 1.16 16.33 18.83
N LYS B 215 1.83 17.16 18.03
CA LYS B 215 1.42 18.56 17.84
C LYS B 215 -0.09 18.77 17.67
N PRO B 216 -0.76 17.97 16.82
CA PRO B 216 -2.18 18.26 16.57
C PRO B 216 -3.09 18.29 17.80
N SER B 217 -2.68 17.68 18.90
CA SER B 217 -3.44 17.80 20.14
C SER B 217 -2.62 18.52 21.22
N ASN B 218 -1.50 19.10 20.81
CA ASN B 218 -0.59 19.82 21.71
C ASN B 218 -0.13 19.02 22.92
N THR B 219 0.03 17.70 22.76
CA THR B 219 0.52 16.88 23.88
C THR B 219 1.92 16.38 23.63
N LYS B 220 2.72 16.34 24.71
CA LYS B 220 4.02 15.68 24.69
C LYS B 220 4.06 14.64 25.80
N VAL B 221 4.51 13.43 25.45
CA VAL B 221 4.69 12.37 26.44
C VAL B 221 6.12 11.83 26.44
N ASP B 222 6.79 11.91 27.59
CA ASP B 222 8.08 11.27 27.72
C ASP B 222 7.89 10.02 28.59
N LYS B 223 7.74 8.86 27.94
CA LYS B 223 7.41 7.64 28.67
C LYS B 223 8.63 6.83 29.07
N ARG B 224 8.72 6.54 30.36
CA ARG B 224 9.85 5.77 30.85
C ARG B 224 9.59 4.30 30.57
N VAL B 225 10.54 3.64 29.92
CA VAL B 225 10.45 2.20 29.69
C VAL B 225 11.35 1.45 30.65
N GLU B 226 10.83 0.39 31.25
CA GLU B 226 11.61 -0.40 32.16
C GLU B 226 11.28 -1.88 32.14
N PRO B 227 12.30 -2.73 32.42
CA PRO B 227 12.03 -4.15 32.65
C PRO B 227 10.97 -4.35 33.74
#